data_3CL3
#
_entry.id   3CL3
#
_cell.length_a   145.670
_cell.length_b   145.670
_cell.length_c   101.540
_cell.angle_alpha   90.00
_cell.angle_beta   90.00
_cell.angle_gamma   120.00
#
_symmetry.space_group_name_H-M   'P 32 2 1'
#
loop_
_entity.id
_entity.type
_entity.pdbx_description
1 polymer 'ORF K13'
2 polymer 'NF-kappa-B essential modulator'
#
loop_
_entity_poly.entity_id
_entity_poly.type
_entity_poly.pdbx_seq_one_letter_code
_entity_poly.pdbx_strand_id
1 'polypeptide(L)'
;GAMGSMATYEVLCEVARKLGTDDREVVLFLLNVFIPQPTLAQLIGALRALKEEGRLTFPLLAECLFRAGRRDLLRDLLHL
DPRFLERHLAGTMSYFSPYQLTVLHVDGELCARDIRSLIFLSKDTIGSRSTPQTFLHWVYCMENLDLLGPTDVDALMSML
RSLSRVDLQRQVQTLMGLHLSGP
;
A,B
2 'polypeptide(L)'
;GHMASGSLGELQESQSRLEAATKECQALEGRARAASEQARQLESEREALQQQHSVQVDQLRMQGQSVEAALRMERQAASE
EKRKLAQLQVAYHQLFQEYDNHIKSSVVGSERKRGMQLEDLKQQLQQAEE
;
D,E
#
# COMPACT_ATOMS: atom_id res chain seq x y z
N ALA A 7 6.65 -12.15 10.04
CA ALA A 7 5.31 -11.87 9.42
C ALA A 7 5.51 -11.43 7.97
N THR A 8 6.18 -10.30 7.81
CA THR A 8 6.48 -9.69 6.51
C THR A 8 7.67 -10.41 5.86
N TYR A 9 8.66 -10.74 6.67
CA TYR A 9 9.83 -11.45 6.18
C TYR A 9 9.42 -12.82 5.67
N GLU A 10 8.22 -13.26 6.05
CA GLU A 10 7.70 -14.54 5.60
C GLU A 10 7.50 -14.41 4.09
N VAL A 11 7.14 -13.21 3.66
CA VAL A 11 6.92 -12.91 2.25
C VAL A 11 8.24 -12.81 1.50
N LEU A 12 9.17 -12.02 2.04
CA LEU A 12 10.45 -11.86 1.41
C LEU A 12 11.08 -13.24 1.21
N CYS A 13 10.85 -14.17 2.14
CA CYS A 13 11.41 -15.50 2.00
C CYS A 13 10.69 -16.27 0.89
N GLU A 14 9.36 -16.40 1.01
CA GLU A 14 8.61 -17.12 -0.01
C GLU A 14 8.95 -16.63 -1.41
N VAL A 15 9.36 -15.36 -1.51
CA VAL A 15 9.71 -14.80 -2.81
C VAL A 15 11.07 -15.33 -3.18
N ALA A 16 12.01 -15.16 -2.26
CA ALA A 16 13.37 -15.62 -2.48
C ALA A 16 13.41 -17.10 -2.83
N ARG A 17 12.60 -17.92 -2.15
CA ARG A 17 12.66 -19.34 -2.44
C ARG A 17 11.80 -19.78 -3.61
N LYS A 18 11.21 -18.83 -4.32
CA LYS A 18 10.38 -19.20 -5.46
C LYS A 18 10.99 -18.56 -6.68
N LEU A 19 12.12 -17.91 -6.47
CA LEU A 19 12.78 -17.20 -7.54
C LEU A 19 13.22 -18.05 -8.72
N GLY A 20 14.52 -18.08 -8.97
CA GLY A 20 15.06 -18.85 -10.08
C GLY A 20 16.57 -18.76 -9.99
N THR A 21 17.26 -19.79 -10.42
CA THR A 21 18.70 -19.75 -10.31
C THR A 21 19.18 -18.46 -10.96
N ASP A 22 18.55 -18.06 -12.05
CA ASP A 22 18.98 -16.83 -12.67
C ASP A 22 18.39 -15.60 -12.00
N ASP A 23 17.09 -15.64 -11.73
CA ASP A 23 16.38 -14.53 -11.09
C ASP A 23 17.14 -14.00 -9.89
N ARG A 24 17.79 -14.89 -9.14
CA ARG A 24 18.55 -14.47 -7.98
C ARG A 24 19.62 -13.44 -8.35
N GLU A 25 20.33 -13.66 -9.46
CA GLU A 25 21.36 -12.71 -9.89
C GLU A 25 20.72 -11.45 -10.43
N VAL A 26 19.64 -11.59 -11.17
CA VAL A 26 19.00 -10.41 -11.67
C VAL A 26 18.62 -9.55 -10.49
N VAL A 27 17.82 -10.12 -9.59
CA VAL A 27 17.36 -9.40 -8.41
C VAL A 27 18.50 -8.79 -7.60
N LEU A 28 19.52 -9.59 -7.28
CA LEU A 28 20.63 -9.05 -6.52
C LEU A 28 21.36 -7.96 -7.30
N PHE A 29 21.35 -8.06 -8.63
CA PHE A 29 22.03 -7.07 -9.47
C PHE A 29 21.30 -5.76 -9.33
N LEU A 30 19.99 -5.85 -9.44
CA LEU A 30 19.10 -4.70 -9.35
C LEU A 30 19.17 -3.99 -8.03
N LEU A 31 19.56 -4.73 -6.99
CA LEU A 31 19.63 -4.11 -5.70
C LEU A 31 21.01 -3.63 -5.30
N ASN A 32 21.90 -3.46 -6.28
CA ASN A 32 23.26 -3.00 -5.99
C ASN A 32 23.89 -3.92 -4.93
N VAL A 33 23.55 -5.20 -5.00
CA VAL A 33 24.07 -6.20 -4.06
C VAL A 33 24.23 -7.54 -4.75
N PHE A 34 25.32 -7.70 -5.48
CA PHE A 34 25.55 -8.91 -6.25
C PHE A 34 26.30 -10.05 -5.59
N ILE A 35 25.92 -11.25 -5.98
CA ILE A 35 26.54 -12.47 -5.47
C ILE A 35 26.45 -13.54 -6.55
N PRO A 36 27.59 -13.92 -7.16
CA PRO A 36 27.61 -14.94 -8.21
C PRO A 36 26.90 -16.20 -7.82
N GLN A 37 25.99 -16.64 -8.69
CA GLN A 37 25.23 -17.87 -8.47
C GLN A 37 24.98 -18.14 -6.98
N PRO A 38 24.17 -17.29 -6.33
CA PRO A 38 23.86 -17.43 -4.90
C PRO A 38 22.87 -18.56 -4.55
N THR A 39 22.82 -18.88 -3.26
CA THR A 39 21.94 -19.91 -2.71
C THR A 39 20.82 -19.27 -1.93
N LEU A 40 19.68 -19.95 -1.85
CA LEU A 40 18.53 -19.39 -1.12
C LEU A 40 19.03 -18.80 0.20
N ALA A 41 20.05 -19.42 0.77
CA ALA A 41 20.60 -18.93 2.02
C ALA A 41 21.21 -17.55 1.88
N GLN A 42 22.10 -17.40 0.91
CA GLN A 42 22.78 -16.13 0.72
C GLN A 42 21.83 -15.07 0.19
N LEU A 43 20.91 -15.51 -0.65
CA LEU A 43 19.90 -14.64 -1.25
C LEU A 43 19.07 -14.01 -0.14
N ILE A 44 18.41 -14.84 0.64
CA ILE A 44 17.60 -14.35 1.73
C ILE A 44 18.43 -13.46 2.63
N GLY A 45 19.52 -14.00 3.16
CA GLY A 45 20.37 -13.20 4.02
C GLY A 45 20.60 -11.80 3.47
N ALA A 46 20.72 -11.70 2.15
CA ALA A 46 20.97 -10.40 1.53
C ALA A 46 19.74 -9.49 1.54
N LEU A 47 18.63 -10.02 1.06
CA LEU A 47 17.37 -9.28 1.02
C LEU A 47 16.97 -8.91 2.43
N ARG A 48 17.03 -9.90 3.32
CA ARG A 48 16.65 -9.70 4.70
C ARG A 48 17.46 -8.56 5.28
N ALA A 49 18.74 -8.47 4.95
CA ALA A 49 19.56 -7.39 5.52
C ALA A 49 19.15 -6.05 4.93
N LEU A 50 18.50 -6.10 3.77
CA LEU A 50 18.05 -4.90 3.11
C LEU A 50 16.73 -4.42 3.70
N LYS A 51 15.87 -5.34 4.10
CA LYS A 51 14.61 -4.93 4.69
C LYS A 51 14.91 -4.41 6.10
N GLU A 52 15.88 -5.00 6.77
CA GLU A 52 16.21 -4.57 8.12
C GLU A 52 16.90 -3.21 8.18
N GLU A 53 16.93 -2.49 7.08
CA GLU A 53 17.58 -1.20 7.07
C GLU A 53 16.75 -0.22 6.25
N GLY A 54 15.55 -0.66 5.88
CA GLY A 54 14.66 0.17 5.10
C GLY A 54 15.08 0.44 3.67
N ARG A 55 16.08 -0.28 3.16
CA ARG A 55 16.52 -0.07 1.79
C ARG A 55 15.81 -1.06 0.86
N LEU A 56 14.74 -1.69 1.35
CA LEU A 56 13.99 -2.63 0.54
C LEU A 56 12.51 -2.40 0.78
N THR A 57 11.99 -1.35 0.16
CA THR A 57 10.58 -0.95 0.30
C THR A 57 9.69 -1.74 -0.64
N PHE A 58 8.51 -2.12 -0.18
CA PHE A 58 7.61 -2.86 -1.03
C PHE A 58 7.63 -2.34 -2.48
N PRO A 59 7.51 -1.02 -2.68
CA PRO A 59 7.51 -0.54 -4.07
C PRO A 59 8.72 -1.02 -4.92
N LEU A 60 9.88 -1.10 -4.28
CA LEU A 60 11.12 -1.55 -4.92
C LEU A 60 11.03 -3.06 -5.22
N LEU A 61 10.96 -3.83 -4.14
CA LEU A 61 10.83 -5.25 -4.21
C LEU A 61 9.82 -5.56 -5.32
N ALA A 62 8.85 -4.70 -5.54
CA ALA A 62 7.90 -4.97 -6.59
C ALA A 62 8.49 -4.82 -7.98
N GLU A 63 9.13 -3.68 -8.28
CA GLU A 63 9.72 -3.47 -9.62
C GLU A 63 10.83 -4.49 -9.82
N CYS A 64 11.54 -4.80 -8.73
CA CYS A 64 12.60 -5.80 -8.78
C CYS A 64 12.02 -7.01 -9.47
N LEU A 65 10.97 -7.56 -8.89
CA LEU A 65 10.34 -8.72 -9.48
C LEU A 65 9.75 -8.41 -10.86
N PHE A 66 9.17 -7.24 -11.05
CA PHE A 66 8.64 -6.98 -12.37
C PHE A 66 9.77 -6.96 -13.38
N ARG A 67 10.90 -6.37 -13.00
CA ARG A 67 12.05 -6.31 -13.88
C ARG A 67 12.60 -7.70 -14.11
N ALA A 68 12.59 -8.50 -13.05
CA ALA A 68 13.07 -9.87 -13.13
C ALA A 68 12.06 -10.70 -13.93
N GLY A 69 11.04 -10.06 -14.47
CA GLY A 69 10.06 -10.79 -15.25
C GLY A 69 9.22 -11.79 -14.46
N ARG A 70 9.23 -11.70 -13.14
CA ARG A 70 8.43 -12.62 -12.35
C ARG A 70 7.02 -12.08 -12.06
N ARG A 71 6.32 -11.73 -13.13
CA ARG A 71 4.94 -11.22 -13.03
C ARG A 71 4.11 -12.15 -12.19
N ASP A 72 4.55 -13.40 -12.09
CA ASP A 72 3.84 -14.40 -11.34
C ASP A 72 3.92 -14.14 -9.86
N LEU A 73 5.12 -13.87 -9.37
CA LEU A 73 5.28 -13.64 -7.95
C LEU A 73 4.65 -12.37 -7.50
N LEU A 74 4.28 -11.53 -8.46
CA LEU A 74 3.63 -10.25 -8.14
C LEU A 74 2.16 -10.47 -7.82
N ARG A 75 1.48 -11.23 -8.66
CA ARG A 75 0.07 -11.48 -8.42
C ARG A 75 -0.13 -12.67 -7.52
N ASP A 76 0.89 -13.13 -6.83
CA ASP A 76 0.76 -14.30 -5.97
C ASP A 76 1.32 -14.05 -4.57
N LEU A 77 2.41 -13.30 -4.49
CA LEU A 77 3.03 -13.00 -3.19
C LEU A 77 2.89 -11.53 -2.79
N LEU A 78 2.96 -10.63 -3.76
CA LEU A 78 2.80 -9.21 -3.46
C LEU A 78 1.38 -8.73 -3.70
N HIS A 79 0.64 -9.47 -4.53
CA HIS A 79 -0.74 -9.13 -4.81
C HIS A 79 -0.89 -7.85 -5.64
N LEU A 80 -0.04 -7.68 -6.64
CA LEU A 80 -0.14 -6.52 -7.51
C LEU A 80 -0.50 -7.02 -8.87
N ASP A 81 -1.53 -6.45 -9.50
CA ASP A 81 -1.88 -6.91 -10.83
C ASP A 81 -0.76 -6.52 -11.78
N PRO A 82 -0.06 -7.50 -12.35
CA PRO A 82 1.02 -7.21 -13.28
C PRO A 82 0.71 -6.12 -14.28
N ARG A 83 -0.50 -6.15 -14.85
CA ARG A 83 -0.90 -5.13 -15.82
C ARG A 83 -0.86 -3.75 -15.19
N PHE A 84 -1.29 -3.66 -13.95
CA PHE A 84 -1.29 -2.40 -13.26
C PHE A 84 0.11 -1.87 -13.02
N LEU A 85 0.96 -2.72 -12.46
CA LEU A 85 2.31 -2.31 -12.19
C LEU A 85 2.95 -1.95 -13.51
N GLU A 86 2.43 -2.51 -14.59
CA GLU A 86 3.00 -2.21 -15.89
C GLU A 86 2.74 -0.78 -16.28
N ARG A 87 1.46 -0.39 -16.29
CA ARG A 87 1.03 0.97 -16.61
C ARG A 87 1.63 1.99 -15.64
N HIS A 88 1.77 1.57 -14.39
CA HIS A 88 2.33 2.42 -13.36
C HIS A 88 3.79 2.72 -13.64
N LEU A 89 4.60 1.67 -13.72
CA LEU A 89 6.03 1.82 -13.98
C LEU A 89 6.33 2.55 -15.26
N ALA A 90 5.33 2.76 -16.10
CA ALA A 90 5.56 3.44 -17.36
C ALA A 90 5.29 4.92 -17.25
N GLY A 91 4.82 5.35 -16.08
CA GLY A 91 4.53 6.76 -15.90
C GLY A 91 5.32 7.36 -14.76
N THR A 92 6.40 6.72 -14.37
CA THR A 92 7.23 7.22 -13.27
C THR A 92 8.67 6.96 -13.59
N MET A 93 9.56 7.46 -12.75
CA MET A 93 10.99 7.24 -12.92
C MET A 93 11.35 5.95 -12.18
N SER A 94 12.16 5.09 -12.79
CA SER A 94 12.53 3.83 -12.13
C SER A 94 13.44 3.95 -10.92
N TYR A 95 13.37 2.96 -10.03
CA TYR A 95 14.24 2.99 -8.87
C TYR A 95 15.65 2.61 -9.29
N PHE A 96 15.78 2.13 -10.53
CA PHE A 96 17.05 1.69 -11.09
C PHE A 96 17.58 2.63 -12.15
N SER A 97 18.91 2.72 -12.26
CA SER A 97 19.54 3.62 -13.25
C SER A 97 19.49 3.09 -14.67
N PRO A 98 19.66 3.98 -15.66
CA PRO A 98 19.64 3.61 -17.09
C PRO A 98 20.68 2.51 -17.32
N TYR A 99 21.78 2.62 -16.61
CA TYR A 99 22.84 1.64 -16.70
C TYR A 99 22.19 0.30 -16.37
N GLN A 100 21.74 0.15 -15.12
CA GLN A 100 21.09 -1.07 -14.66
C GLN A 100 20.04 -1.61 -15.64
N LEU A 101 19.06 -0.78 -15.95
CA LEU A 101 18.01 -1.21 -16.84
C LEU A 101 18.60 -1.59 -18.22
N THR A 102 19.73 -1.00 -18.60
CA THR A 102 20.38 -1.36 -19.89
C THR A 102 20.98 -2.77 -19.77
N VAL A 103 21.79 -2.96 -18.74
CA VAL A 103 22.40 -4.24 -18.48
C VAL A 103 21.35 -5.33 -18.50
N LEU A 104 20.38 -5.25 -17.62
CA LEU A 104 19.34 -6.29 -17.62
C LEU A 104 18.81 -6.47 -19.07
N HIS A 105 18.70 -5.38 -19.82
CA HIS A 105 18.20 -5.52 -21.18
C HIS A 105 19.02 -6.48 -21.99
N VAL A 106 20.32 -6.26 -21.99
CA VAL A 106 21.27 -7.10 -22.71
C VAL A 106 21.19 -8.50 -22.10
N ASP A 107 21.30 -8.56 -20.77
CA ASP A 107 21.28 -9.80 -20.03
C ASP A 107 20.23 -10.77 -20.48
N GLY A 108 19.10 -10.23 -20.91
CA GLY A 108 18.00 -11.08 -21.35
C GLY A 108 18.02 -11.37 -22.83
N GLU A 109 18.56 -10.47 -23.62
CA GLU A 109 18.58 -10.67 -25.05
C GLU A 109 19.60 -11.72 -25.53
N LEU A 110 20.79 -11.72 -24.93
CA LEU A 110 21.83 -12.68 -25.28
C LEU A 110 21.24 -14.07 -25.31
N CYS A 111 21.57 -14.83 -26.36
CA CYS A 111 21.07 -16.20 -26.48
C CYS A 111 22.17 -17.10 -25.99
N ALA A 112 21.87 -18.38 -25.85
CA ALA A 112 22.84 -19.35 -25.38
C ALA A 112 24.15 -19.23 -26.15
N ARG A 113 24.07 -19.30 -27.48
CA ARG A 113 25.26 -19.20 -28.29
C ARG A 113 26.09 -17.97 -27.92
N ASP A 114 25.47 -16.95 -27.32
CA ASP A 114 26.23 -15.76 -26.95
C ASP A 114 26.93 -15.95 -25.59
N ILE A 115 26.14 -16.36 -24.62
CA ILE A 115 26.59 -16.59 -23.24
C ILE A 115 27.72 -17.61 -23.17
N ARG A 116 27.46 -18.80 -23.70
CA ARG A 116 28.43 -19.89 -23.73
C ARG A 116 29.75 -19.37 -24.23
N SER A 117 29.65 -18.48 -25.22
CA SER A 117 30.79 -17.86 -25.85
C SER A 117 31.46 -16.86 -24.91
N LEU A 118 30.68 -15.99 -24.29
CA LEU A 118 31.19 -14.98 -23.36
C LEU A 118 31.87 -15.63 -22.18
N ILE A 119 31.23 -16.66 -21.66
CA ILE A 119 31.73 -17.42 -20.52
C ILE A 119 33.15 -17.90 -20.79
N PHE A 120 33.42 -18.26 -22.04
CA PHE A 120 34.72 -18.76 -22.48
C PHE A 120 35.66 -17.58 -22.73
N LEU A 121 35.29 -16.78 -23.71
CA LEU A 121 36.02 -15.60 -24.09
C LEU A 121 36.62 -14.86 -22.91
N SER A 122 36.10 -15.11 -21.71
CA SER A 122 36.60 -14.39 -20.54
C SER A 122 37.49 -15.25 -19.65
N LYS A 123 36.89 -16.13 -18.85
CA LYS A 123 37.65 -17.04 -17.97
C LYS A 123 39.01 -16.67 -17.39
N ASP A 124 39.77 -15.84 -18.06
CA ASP A 124 41.08 -15.46 -17.56
C ASP A 124 41.02 -13.99 -17.18
N THR A 125 39.86 -13.60 -16.70
CA THR A 125 39.63 -12.21 -16.31
C THR A 125 40.47 -11.82 -15.09
N ILE A 126 41.34 -10.83 -15.27
CA ILE A 126 42.19 -10.34 -14.20
C ILE A 126 41.33 -9.91 -13.03
N GLY A 127 41.79 -10.18 -11.81
CA GLY A 127 41.01 -9.79 -10.65
C GLY A 127 39.92 -10.78 -10.27
N SER A 128 39.23 -11.35 -11.26
CA SER A 128 38.15 -12.29 -10.98
C SER A 128 38.56 -13.35 -9.98
N ARG A 129 37.61 -13.81 -9.18
CA ARG A 129 37.90 -14.82 -8.19
C ARG A 129 36.99 -16.01 -8.40
N SER A 130 36.79 -16.42 -9.64
CA SER A 130 35.87 -17.52 -9.87
C SER A 130 35.56 -17.78 -11.33
N THR A 131 36.01 -16.86 -12.18
CA THR A 131 35.74 -16.92 -13.61
C THR A 131 34.24 -16.78 -13.71
N PRO A 132 33.75 -16.12 -14.75
CA PRO A 132 32.29 -16.06 -14.70
C PRO A 132 31.54 -16.99 -15.62
N GLN A 133 30.35 -17.42 -15.19
CA GLN A 133 29.51 -18.30 -16.01
C GLN A 133 28.19 -17.61 -16.29
N THR A 134 28.16 -16.30 -16.11
CA THR A 134 26.94 -15.54 -16.29
C THR A 134 27.27 -14.15 -16.78
N PHE A 135 26.44 -13.61 -17.67
CA PHE A 135 26.67 -12.27 -18.17
C PHE A 135 26.82 -11.27 -17.03
N LEU A 136 25.91 -11.37 -16.06
CA LEU A 136 25.90 -10.50 -14.88
C LEU A 136 27.14 -10.74 -14.03
N HIS A 137 27.51 -12.01 -13.95
CA HIS A 137 28.70 -12.43 -13.21
C HIS A 137 29.91 -11.75 -13.85
N TRP A 138 29.88 -11.69 -15.18
CA TRP A 138 30.92 -11.07 -15.94
C TRP A 138 30.86 -9.59 -15.62
N VAL A 139 29.68 -9.01 -15.73
CA VAL A 139 29.47 -7.58 -15.45
C VAL A 139 30.03 -7.24 -14.08
N TYR A 140 29.67 -8.05 -13.10
CA TYR A 140 30.15 -7.85 -11.76
C TYR A 140 31.65 -7.71 -11.80
N CYS A 141 32.33 -8.76 -12.29
CA CYS A 141 33.79 -8.77 -12.37
C CYS A 141 34.39 -7.58 -13.09
N MET A 142 33.68 -7.11 -14.10
CA MET A 142 34.14 -5.98 -14.84
C MET A 142 34.04 -4.72 -14.01
N GLU A 143 32.98 -4.61 -13.20
CA GLU A 143 32.79 -3.44 -12.36
C GLU A 143 33.87 -3.41 -11.28
N ASN A 144 34.12 -4.56 -10.67
CA ASN A 144 35.12 -4.63 -9.63
C ASN A 144 36.51 -4.25 -10.12
N LEU A 145 36.63 -3.67 -11.30
CA LEU A 145 37.94 -3.29 -11.84
C LEU A 145 37.91 -1.90 -12.39
N ASP A 146 36.77 -1.24 -12.17
CA ASP A 146 36.56 0.11 -12.66
C ASP A 146 36.56 0.13 -14.20
N LEU A 147 36.23 -1.02 -14.81
CA LEU A 147 36.16 -1.13 -16.27
C LEU A 147 34.75 -0.87 -16.81
N LEU A 148 33.72 -1.16 -16.00
CA LEU A 148 32.34 -0.90 -16.39
C LEU A 148 31.69 0.17 -15.51
N GLY A 149 30.37 0.27 -15.56
CA GLY A 149 29.68 1.28 -14.79
C GLY A 149 28.90 2.26 -15.66
N PRO A 150 28.01 3.07 -15.09
CA PRO A 150 27.22 4.04 -15.86
C PRO A 150 28.04 5.14 -16.51
N THR A 151 29.05 5.62 -15.81
CA THR A 151 29.92 6.68 -16.34
C THR A 151 30.65 6.24 -17.60
N ASP A 152 30.71 4.93 -17.83
CA ASP A 152 31.40 4.39 -19.00
C ASP A 152 31.06 2.93 -19.29
N VAL A 153 30.32 2.69 -20.38
CA VAL A 153 29.92 1.34 -20.76
C VAL A 153 30.55 0.93 -22.06
N ASP A 154 31.66 1.56 -22.41
CA ASP A 154 32.32 1.25 -23.66
C ASP A 154 32.93 -0.15 -23.70
N ALA A 155 33.09 -0.76 -22.53
CA ALA A 155 33.64 -2.11 -22.45
C ALA A 155 32.51 -3.12 -22.65
N LEU A 156 31.28 -2.69 -22.38
CA LEU A 156 30.14 -3.56 -22.54
C LEU A 156 29.85 -3.64 -24.02
N MET A 157 30.07 -2.54 -24.72
CA MET A 157 29.82 -2.51 -26.15
C MET A 157 30.82 -3.42 -26.84
N SER A 158 32.06 -3.38 -26.38
CA SER A 158 33.09 -4.22 -26.93
C SER A 158 32.72 -5.69 -26.79
N MET A 159 32.38 -6.15 -25.60
CA MET A 159 32.02 -7.57 -25.43
C MET A 159 30.90 -7.92 -26.39
N LEU A 160 30.09 -6.93 -26.72
CA LEU A 160 28.97 -7.19 -27.60
C LEU A 160 29.38 -7.27 -29.05
N ARG A 161 30.17 -6.31 -29.53
CA ARG A 161 30.58 -6.36 -30.92
C ARG A 161 31.46 -7.58 -31.21
N SER A 162 32.11 -8.10 -30.17
CA SER A 162 32.96 -9.26 -30.34
C SER A 162 32.07 -10.48 -30.44
N LEU A 163 30.94 -10.44 -29.76
CA LEU A 163 30.02 -11.56 -29.79
C LEU A 163 29.11 -11.49 -30.99
N SER A 164 29.31 -10.46 -31.80
CA SER A 164 28.53 -10.30 -33.01
C SER A 164 27.10 -9.80 -32.78
N ARG A 165 26.88 -9.17 -31.64
CA ARG A 165 25.56 -8.62 -31.36
C ARG A 165 25.70 -7.11 -31.48
N VAL A 166 26.00 -6.63 -32.68
CA VAL A 166 26.16 -5.21 -32.88
C VAL A 166 24.79 -4.55 -32.69
N ASP A 167 23.73 -5.35 -32.84
CA ASP A 167 22.38 -4.84 -32.66
C ASP A 167 22.20 -4.43 -31.21
N LEU A 168 22.83 -5.18 -30.31
CA LEU A 168 22.77 -4.86 -28.90
C LEU A 168 23.71 -3.69 -28.66
N GLN A 169 24.84 -3.69 -29.37
CA GLN A 169 25.78 -2.61 -29.20
C GLN A 169 25.03 -1.32 -29.48
N ARG A 170 24.24 -1.33 -30.55
CA ARG A 170 23.47 -0.17 -30.94
C ARG A 170 22.43 0.21 -29.89
N GLN A 171 21.64 -0.77 -29.45
CA GLN A 171 20.61 -0.55 -28.44
C GLN A 171 21.27 -0.01 -27.17
N VAL A 172 22.33 -0.66 -26.72
CA VAL A 172 23.02 -0.18 -25.53
C VAL A 172 23.43 1.27 -25.77
N GLN A 173 23.86 1.56 -26.99
CA GLN A 173 24.30 2.91 -27.34
C GLN A 173 23.13 3.85 -27.44
N THR A 174 21.93 3.30 -27.58
CA THR A 174 20.76 4.13 -27.68
C THR A 174 20.23 4.37 -26.28
N LEU A 175 20.15 3.29 -25.51
CA LEU A 175 19.69 3.35 -24.13
C LEU A 175 20.46 4.37 -23.32
N MET A 176 21.77 4.44 -23.55
CA MET A 176 22.64 5.35 -22.82
C MET A 176 22.91 6.70 -23.49
N GLY A 177 22.97 6.74 -24.82
CA GLY A 177 23.24 8.01 -25.51
C GLY A 177 24.51 8.11 -26.34
N LEU A 178 24.44 8.96 -27.38
CA LEU A 178 25.54 9.23 -28.31
C LEU A 178 25.84 8.14 -29.34
N ALA B 7 -9.29 10.90 -9.79
CA ALA B 7 -9.10 9.42 -9.61
C ALA B 7 -9.25 8.98 -8.14
N THR B 8 -8.16 9.03 -7.39
CA THR B 8 -8.17 8.66 -5.97
C THR B 8 -8.69 9.86 -5.19
N TYR B 9 -8.87 10.97 -5.88
CA TYR B 9 -9.37 12.19 -5.26
C TYR B 9 -10.84 12.02 -4.90
N GLU B 10 -11.51 11.09 -5.58
CA GLU B 10 -12.92 10.82 -5.34
C GLU B 10 -13.13 10.20 -3.96
N VAL B 11 -12.14 9.47 -3.48
CA VAL B 11 -12.25 8.86 -2.16
C VAL B 11 -12.29 9.92 -1.10
N LEU B 12 -11.46 10.94 -1.26
CA LEU B 12 -11.42 12.02 -0.31
C LEU B 12 -12.78 12.74 -0.29
N CYS B 13 -13.46 12.80 -1.43
CA CYS B 13 -14.76 13.45 -1.49
C CYS B 13 -15.76 12.63 -0.70
N GLU B 14 -15.93 11.38 -1.09
CA GLU B 14 -16.88 10.51 -0.42
C GLU B 14 -16.71 10.55 1.08
N VAL B 15 -15.49 10.81 1.54
CA VAL B 15 -15.27 10.89 2.96
C VAL B 15 -15.96 12.16 3.47
N ALA B 16 -15.62 13.30 2.88
CA ALA B 16 -16.21 14.57 3.27
C ALA B 16 -17.72 14.45 3.19
N ARG B 17 -18.18 14.01 2.03
CA ARG B 17 -19.60 13.85 1.82
C ARG B 17 -20.30 13.06 2.90
N LYS B 18 -19.59 12.20 3.62
CA LYS B 18 -20.23 11.40 4.67
C LYS B 18 -19.79 11.84 6.04
N LEU B 19 -18.83 12.75 6.06
CA LEU B 19 -18.31 13.27 7.30
C LEU B 19 -19.47 14.09 7.92
N GLY B 20 -19.74 13.86 9.21
CA GLY B 20 -20.82 14.54 9.91
C GLY B 20 -20.61 16.05 10.00
N THR B 21 -21.62 16.80 10.43
CA THR B 21 -21.47 18.26 10.52
C THR B 21 -20.37 18.67 11.49
N ASP B 22 -20.50 18.28 12.75
CA ASP B 22 -19.47 18.62 13.71
C ASP B 22 -18.17 17.97 13.31
N ASP B 23 -18.25 16.83 12.61
CA ASP B 23 -17.04 16.15 12.18
C ASP B 23 -16.18 17.02 11.29
N ARG B 24 -16.79 17.72 10.34
CA ARG B 24 -15.99 18.57 9.47
C ARG B 24 -15.07 19.49 10.29
N GLU B 25 -15.55 20.00 11.41
CA GLU B 25 -14.71 20.89 12.21
C GLU B 25 -13.59 20.10 12.90
N VAL B 26 -13.93 18.94 13.44
CA VAL B 26 -12.94 18.09 14.10
C VAL B 26 -11.86 17.75 13.09
N VAL B 27 -12.25 17.24 11.93
CA VAL B 27 -11.27 16.87 10.91
C VAL B 27 -10.37 18.05 10.56
N LEU B 28 -10.94 19.07 9.92
CA LEU B 28 -10.21 20.29 9.54
C LEU B 28 -9.31 20.84 10.66
N PHE B 29 -9.73 20.66 11.92
CA PHE B 29 -8.92 21.15 13.03
C PHE B 29 -7.65 20.36 13.18
N LEU B 30 -7.78 19.05 13.03
CA LEU B 30 -6.66 18.12 13.15
C LEU B 30 -5.64 18.31 12.03
N LEU B 31 -6.10 18.72 10.86
CA LEU B 31 -5.19 18.89 9.76
C LEU B 31 -4.60 20.29 9.67
N ASN B 32 -4.97 21.17 10.61
CA ASN B 32 -4.48 22.57 10.66
C ASN B 32 -4.91 23.41 9.47
N VAL B 33 -6.17 23.26 9.08
CA VAL B 33 -6.71 24.00 7.97
C VAL B 33 -8.11 24.43 8.41
N PHE B 34 -8.27 24.55 9.72
CA PHE B 34 -9.53 24.94 10.32
C PHE B 34 -10.36 25.96 9.58
N ILE B 35 -11.67 25.76 9.62
CA ILE B 35 -12.62 26.62 8.95
C ILE B 35 -13.95 26.50 9.67
N PRO B 36 -14.43 27.58 10.32
CA PRO B 36 -15.71 27.53 11.03
C PRO B 36 -16.90 27.06 10.21
N GLN B 37 -17.68 26.16 10.80
CA GLN B 37 -18.87 25.59 10.18
C GLN B 37 -18.77 25.58 8.67
N PRO B 38 -17.77 24.87 8.11
CA PRO B 38 -17.54 24.78 6.67
C PRO B 38 -18.68 24.13 5.92
N THR B 39 -18.61 24.20 4.61
CA THR B 39 -19.61 23.60 3.75
C THR B 39 -18.89 22.56 2.90
N LEU B 40 -19.63 21.63 2.32
CA LEU B 40 -18.99 20.61 1.51
C LEU B 40 -17.94 21.21 0.62
N ALA B 41 -18.36 22.11 -0.25
CA ALA B 41 -17.42 22.73 -1.18
C ALA B 41 -16.18 23.23 -0.48
N GLN B 42 -16.37 23.85 0.67
CA GLN B 42 -15.26 24.37 1.43
C GLN B 42 -14.39 23.25 1.98
N LEU B 43 -15.03 22.24 2.55
CA LEU B 43 -14.34 21.10 3.13
C LEU B 43 -13.55 20.33 2.12
N ILE B 44 -14.24 19.79 1.12
CA ILE B 44 -13.55 19.02 0.12
C ILE B 44 -12.48 19.91 -0.48
N GLY B 45 -12.78 21.19 -0.63
CA GLY B 45 -11.78 22.09 -1.17
C GLY B 45 -10.51 22.05 -0.35
N ALA B 46 -10.67 22.13 0.96
CA ALA B 46 -9.53 22.13 1.87
C ALA B 46 -8.73 20.86 1.81
N LEU B 47 -9.44 19.74 1.84
CA LEU B 47 -8.81 18.44 1.79
C LEU B 47 -8.02 18.37 0.51
N ARG B 48 -8.72 18.47 -0.61
CA ARG B 48 -8.09 18.43 -1.93
C ARG B 48 -6.78 19.20 -1.95
N ALA B 49 -6.75 20.36 -1.29
CA ALA B 49 -5.55 21.17 -1.25
C ALA B 49 -4.46 20.46 -0.46
N LEU B 50 -4.83 19.84 0.66
CA LEU B 50 -3.84 19.13 1.46
C LEU B 50 -3.29 17.91 0.76
N LYS B 51 -4.01 17.41 -0.24
CA LYS B 51 -3.58 16.25 -0.98
C LYS B 51 -2.58 16.68 -2.06
N GLU B 52 -3.00 17.61 -2.93
CA GLU B 52 -2.14 18.07 -3.99
C GLU B 52 -0.79 18.53 -3.45
N GLU B 53 -0.74 18.95 -2.20
CA GLU B 53 0.51 19.40 -1.62
C GLU B 53 1.34 18.23 -1.08
N GLY B 54 0.66 17.16 -0.69
CA GLY B 54 1.34 16.00 -0.18
C GLY B 54 1.34 15.96 1.34
N ARG B 55 0.59 16.86 1.97
CA ARG B 55 0.53 16.88 3.43
C ARG B 55 -0.57 15.93 3.93
N LEU B 56 -1.50 15.54 3.06
CA LEU B 56 -2.57 14.62 3.48
C LEU B 56 -2.29 13.23 2.94
N THR B 57 -1.65 12.39 3.75
CA THR B 57 -1.33 11.03 3.34
C THR B 57 -2.32 10.03 3.89
N PHE B 58 -2.55 8.98 3.12
CA PHE B 58 -3.47 7.92 3.51
C PHE B 58 -3.35 7.53 4.97
N PRO B 59 -2.12 7.28 5.44
CA PRO B 59 -2.00 6.91 6.85
C PRO B 59 -2.36 8.08 7.79
N LEU B 60 -2.34 9.30 7.27
CA LEU B 60 -2.70 10.47 8.09
C LEU B 60 -4.21 10.60 8.13
N LEU B 61 -4.81 10.58 6.94
CA LEU B 61 -6.25 10.66 6.82
C LEU B 61 -6.86 9.52 7.66
N ALA B 62 -6.12 8.44 7.78
CA ALA B 62 -6.53 7.27 8.53
C ALA B 62 -6.68 7.55 10.01
N GLU B 63 -5.63 8.04 10.65
CA GLU B 63 -5.74 8.31 12.08
C GLU B 63 -6.68 9.47 12.25
N CYS B 64 -6.51 10.43 11.36
CA CYS B 64 -7.35 11.62 11.35
C CYS B 64 -8.80 11.19 11.53
N LEU B 65 -9.27 10.25 10.70
CA LEU B 65 -10.63 9.77 10.81
C LEU B 65 -10.84 8.89 12.01
N PHE B 66 -9.78 8.29 12.51
CA PHE B 66 -9.94 7.41 13.65
C PHE B 66 -10.18 8.22 14.89
N ARG B 67 -9.44 9.30 15.03
CA ARG B 67 -9.58 10.16 16.19
C ARG B 67 -10.94 10.85 16.17
N ALA B 68 -11.38 11.20 14.96
CA ALA B 68 -12.66 11.86 14.75
C ALA B 68 -13.84 11.00 15.15
N GLY B 69 -13.60 9.70 15.29
CA GLY B 69 -14.65 8.80 15.69
C GLY B 69 -15.35 8.11 14.53
N ARG B 70 -15.02 8.46 13.29
CA ARG B 70 -15.68 7.81 12.16
C ARG B 70 -15.06 6.47 11.73
N ARG B 71 -14.88 5.61 12.73
CA ARG B 71 -14.35 4.28 12.54
C ARG B 71 -15.10 3.60 11.40
N ASP B 72 -16.33 4.05 11.11
CA ASP B 72 -17.08 3.40 10.06
C ASP B 72 -16.58 3.81 8.70
N LEU B 73 -16.03 5.01 8.63
CA LEU B 73 -15.55 5.51 7.35
C LEU B 73 -14.21 4.88 7.05
N LEU B 74 -13.47 4.66 8.13
CA LEU B 74 -12.17 4.06 8.08
C LEU B 74 -12.30 2.66 7.49
N ARG B 75 -13.23 1.89 8.03
CA ARG B 75 -13.49 0.53 7.58
C ARG B 75 -14.17 0.42 6.22
N ASP B 76 -15.13 1.26 5.93
CA ASP B 76 -15.80 1.11 4.66
C ASP B 76 -15.22 1.91 3.52
N LEU B 77 -14.43 2.94 3.82
CA LEU B 77 -13.92 3.78 2.75
C LEU B 77 -12.44 3.66 2.52
N LEU B 78 -11.71 3.41 3.60
CA LEU B 78 -10.27 3.28 3.48
C LEU B 78 -9.89 1.82 3.52
N HIS B 79 -10.83 0.98 3.93
CA HIS B 79 -10.58 -0.46 3.96
C HIS B 79 -9.61 -0.94 5.04
N LEU B 80 -9.71 -0.36 6.22
CA LEU B 80 -8.86 -0.74 7.34
C LEU B 80 -9.72 -1.20 8.49
N ASP B 81 -9.26 -2.18 9.25
CA ASP B 81 -10.04 -2.63 10.40
C ASP B 81 -9.70 -1.73 11.57
N PRO B 82 -10.68 -0.92 12.02
CA PRO B 82 -10.45 -0.02 13.15
C PRO B 82 -9.89 -0.77 14.36
N ARG B 83 -10.36 -1.99 14.59
CA ARG B 83 -9.83 -2.75 15.71
C ARG B 83 -8.33 -2.90 15.49
N PHE B 84 -7.94 -3.17 14.25
CA PHE B 84 -6.53 -3.31 13.92
C PHE B 84 -5.78 -1.98 14.18
N LEU B 85 -6.19 -0.94 13.46
CA LEU B 85 -5.59 0.38 13.57
C LEU B 85 -5.46 0.87 15.04
N GLU B 86 -6.43 0.54 15.88
CA GLU B 86 -6.37 0.97 17.28
C GLU B 86 -5.08 0.45 17.90
N ARG B 87 -4.87 -0.87 17.78
CA ARG B 87 -3.67 -1.50 18.32
C ARG B 87 -2.44 -0.90 17.65
N HIS B 88 -2.54 -0.58 16.36
CA HIS B 88 -1.42 0.02 15.63
C HIS B 88 -1.05 1.39 16.19
N LEU B 89 -2.05 2.25 16.24
CA LEU B 89 -1.90 3.60 16.76
C LEU B 89 -1.39 3.55 18.18
N ALA B 90 -1.77 2.51 18.92
CA ALA B 90 -1.33 2.39 20.30
C ALA B 90 0.11 1.87 20.34
N GLY B 91 0.86 2.11 19.26
CA GLY B 91 2.24 1.66 19.20
C GLY B 91 3.12 2.58 18.36
N THR B 92 2.56 3.71 17.94
CA THR B 92 3.28 4.68 17.11
C THR B 92 3.33 6.04 17.77
N MET B 93 3.63 7.07 16.98
CA MET B 93 3.73 8.41 17.53
C MET B 93 2.48 9.29 17.37
N SER B 94 1.57 8.93 16.48
CA SER B 94 0.37 9.75 16.25
C SER B 94 0.79 11.03 15.55
N TYR B 95 0.24 11.28 14.38
CA TYR B 95 0.59 12.47 13.65
C TYR B 95 0.06 13.73 14.33
N PHE B 96 -0.73 13.55 15.38
CA PHE B 96 -1.32 14.69 16.08
C PHE B 96 -0.68 14.93 17.46
N SER B 97 -0.47 16.20 17.77
CA SER B 97 0.14 16.59 19.05
C SER B 97 -0.75 16.32 20.24
N PRO B 98 -0.13 16.12 21.42
CA PRO B 98 -0.91 15.85 22.63
C PRO B 98 -1.79 17.06 22.97
N TYR B 99 -1.56 18.18 22.29
CA TYR B 99 -2.36 19.37 22.53
C TYR B 99 -3.68 19.13 21.83
N GLN B 100 -3.60 18.94 20.51
CA GLN B 100 -4.77 18.69 19.69
C GLN B 100 -5.57 17.54 20.27
N LEU B 101 -4.88 16.47 20.68
CA LEU B 101 -5.60 15.34 21.22
C LEU B 101 -6.36 15.71 22.48
N THR B 102 -5.85 16.67 23.23
CA THR B 102 -6.53 17.08 24.46
C THR B 102 -7.72 17.95 24.08
N VAL B 103 -7.48 18.91 23.19
CA VAL B 103 -8.53 19.77 22.69
C VAL B 103 -9.68 18.90 22.18
N LEU B 104 -9.38 17.94 21.32
CA LEU B 104 -10.39 17.04 20.76
C LEU B 104 -11.05 16.25 21.87
N HIS B 105 -10.32 16.00 22.95
CA HIS B 105 -10.88 15.25 24.06
C HIS B 105 -11.96 16.07 24.72
N VAL B 106 -11.61 17.30 25.06
CA VAL B 106 -12.53 18.24 25.68
C VAL B 106 -13.78 18.37 24.81
N ASP B 107 -13.59 18.92 23.60
CA ASP B 107 -14.66 19.11 22.62
C ASP B 107 -15.69 17.98 22.65
N GLY B 108 -15.18 16.76 22.82
CA GLY B 108 -16.06 15.61 22.86
C GLY B 108 -16.77 15.43 24.18
N GLU B 109 -16.13 15.83 25.28
CA GLU B 109 -16.74 15.68 26.59
C GLU B 109 -17.71 16.79 26.98
N LEU B 110 -17.58 17.94 26.34
CA LEU B 110 -18.46 19.05 26.61
C LEU B 110 -19.87 18.66 26.21
N CYS B 111 -20.85 18.95 27.06
CA CYS B 111 -22.24 18.62 26.75
C CYS B 111 -22.99 19.87 26.31
N ALA B 112 -24.23 19.68 25.89
CA ALA B 112 -25.08 20.78 25.42
C ALA B 112 -24.99 22.03 26.30
N ARG B 113 -25.35 21.87 27.57
CA ARG B 113 -25.29 22.95 28.57
C ARG B 113 -24.00 23.76 28.42
N ASP B 114 -22.87 23.09 28.64
CA ASP B 114 -21.53 23.67 28.55
C ASP B 114 -21.31 24.45 27.27
N ILE B 115 -21.50 23.78 26.14
CA ILE B 115 -21.30 24.41 24.84
C ILE B 115 -22.20 25.61 24.69
N ARG B 116 -23.48 25.39 24.96
CA ARG B 116 -24.47 26.46 24.86
C ARG B 116 -24.06 27.64 25.74
N SER B 117 -23.48 27.31 26.89
CA SER B 117 -23.04 28.31 27.84
C SER B 117 -21.76 29.00 27.34
N LEU B 118 -20.84 28.21 26.77
CA LEU B 118 -19.58 28.75 26.26
C LEU B 118 -19.83 29.78 25.18
N ILE B 119 -20.72 29.44 24.25
CA ILE B 119 -21.03 30.35 23.16
C ILE B 119 -21.57 31.65 23.73
N PHE B 120 -22.21 31.53 24.88
CA PHE B 120 -22.80 32.68 25.56
C PHE B 120 -21.70 33.50 26.24
N LEU B 121 -21.07 32.91 27.26
CA LEU B 121 -20.01 33.57 28.03
C LEU B 121 -18.98 34.31 27.19
N SER B 122 -18.95 34.03 25.90
CA SER B 122 -18.00 34.70 24.99
C SER B 122 -18.63 35.98 24.45
N SER B 130 -14.82 38.51 16.42
CA SER B 130 -16.13 38.87 16.98
C SER B 130 -17.06 37.65 16.97
N THR B 131 -16.51 36.46 16.84
CA THR B 131 -17.39 35.29 16.82
C THR B 131 -16.83 33.87 16.95
N PRO B 132 -17.64 32.96 17.55
CA PRO B 132 -17.51 31.54 17.85
C PRO B 132 -18.95 30.99 17.83
N GLN B 133 -19.11 29.67 17.86
CA GLN B 133 -20.45 29.07 17.85
C GLN B 133 -20.30 27.59 18.15
N THR B 134 -19.05 27.20 18.36
CA THR B 134 -18.68 25.83 18.65
C THR B 134 -17.32 25.86 19.35
N PHE B 135 -17.08 24.92 20.25
CA PHE B 135 -15.83 24.89 21.00
C PHE B 135 -14.59 24.94 20.14
N LEU B 136 -14.62 24.28 19.00
CA LEU B 136 -13.45 24.30 18.13
C LEU B 136 -13.33 25.68 17.48
N HIS B 137 -14.43 26.41 17.43
CA HIS B 137 -14.43 27.75 16.84
C HIS B 137 -13.73 28.64 17.86
N TRP B 138 -14.03 28.40 19.13
CA TRP B 138 -13.45 29.16 20.22
C TRP B 138 -11.94 28.98 20.20
N VAL B 139 -11.51 27.74 20.40
CA VAL B 139 -10.10 27.39 20.41
C VAL B 139 -9.42 27.98 19.18
N TYR B 140 -10.14 28.04 18.08
CA TYR B 140 -9.59 28.58 16.86
C TYR B 140 -9.22 30.04 17.02
N CYS B 141 -10.17 30.83 17.53
CA CYS B 141 -9.95 32.26 17.74
C CYS B 141 -8.87 32.51 18.77
N MET B 142 -9.05 31.93 19.95
CA MET B 142 -8.06 32.06 21.01
C MET B 142 -6.68 31.77 20.43
N GLU B 143 -6.63 30.91 19.42
CA GLU B 143 -5.36 30.55 18.79
C GLU B 143 -4.82 31.69 17.94
N ASN B 144 -5.73 32.45 17.31
CA ASN B 144 -5.32 33.59 16.50
C ASN B 144 -5.00 34.78 17.40
N LEU B 145 -5.76 34.90 18.49
CA LEU B 145 -5.58 35.98 19.46
C LEU B 145 -4.37 35.65 20.33
N ASP B 146 -3.62 34.62 19.92
CA ASP B 146 -2.43 34.19 20.62
C ASP B 146 -2.67 33.96 22.11
N LEU B 147 -3.91 33.65 22.48
CA LEU B 147 -4.23 33.41 23.88
C LEU B 147 -4.04 31.93 24.20
N LEU B 148 -4.45 31.04 23.28
CA LEU B 148 -4.32 29.60 23.46
C LEU B 148 -3.33 28.98 22.45
N GLY B 149 -2.60 27.97 22.90
CA GLY B 149 -1.64 27.32 22.02
C GLY B 149 -1.04 26.09 22.67
N PRO B 150 -0.32 25.27 21.89
CA PRO B 150 0.30 24.06 22.44
C PRO B 150 1.30 24.41 23.55
N THR B 151 1.75 25.65 23.57
CA THR B 151 2.70 26.10 24.56
C THR B 151 2.07 26.21 25.95
N ASP B 152 0.94 26.90 26.03
CA ASP B 152 0.23 27.11 27.30
C ASP B 152 -1.28 26.98 27.11
N VAL B 153 -1.91 26.21 27.98
CA VAL B 153 -3.35 26.02 27.89
C VAL B 153 -4.09 26.56 29.12
N ASP B 154 -3.53 27.59 29.75
CA ASP B 154 -4.15 28.20 30.91
C ASP B 154 -5.53 28.73 30.55
N ALA B 155 -5.67 29.30 29.36
CA ALA B 155 -6.96 29.84 28.93
C ALA B 155 -7.99 28.72 28.87
N LEU B 156 -7.63 27.63 28.19
CA LEU B 156 -8.51 26.49 28.06
C LEU B 156 -8.72 25.90 29.44
N MET B 157 -7.74 26.13 30.30
CA MET B 157 -7.81 25.60 31.66
C MET B 157 -8.82 26.40 32.49
N SER B 158 -8.99 27.67 32.14
CA SER B 158 -9.92 28.56 32.86
C SER B 158 -11.32 28.41 32.29
N MET B 159 -11.40 28.31 30.97
CA MET B 159 -12.66 28.15 30.28
C MET B 159 -13.46 27.02 30.94
N LEU B 160 -12.77 25.97 31.38
CA LEU B 160 -13.43 24.83 31.99
C LEU B 160 -13.85 25.10 33.44
N ARG B 161 -13.33 26.19 34.00
CA ARG B 161 -13.66 26.61 35.37
C ARG B 161 -14.94 27.44 35.33
N SER B 162 -15.13 28.17 34.23
CA SER B 162 -16.33 28.99 34.05
C SER B 162 -17.57 28.14 33.82
N LEU B 163 -17.37 26.87 33.48
CA LEU B 163 -18.48 25.97 33.19
C LEU B 163 -18.64 24.84 34.19
N SER B 164 -18.08 25.01 35.37
CA SER B 164 -18.20 23.97 36.41
C SER B 164 -17.60 22.63 36.03
N ARG B 165 -16.70 22.62 35.03
CA ARG B 165 -16.06 21.37 34.61
C ARG B 165 -14.67 21.14 35.18
N VAL B 166 -14.63 20.99 36.50
CA VAL B 166 -13.39 20.74 37.21
C VAL B 166 -12.87 19.40 36.75
N ASP B 167 -13.78 18.44 36.60
CA ASP B 167 -13.40 17.10 36.16
C ASP B 167 -12.66 17.22 34.84
N LEU B 168 -13.07 18.19 34.03
CA LEU B 168 -12.45 18.43 32.73
C LEU B 168 -11.13 19.15 32.87
N GLN B 169 -11.14 20.28 33.58
CA GLN B 169 -9.92 21.07 33.78
C GLN B 169 -8.81 20.22 34.38
N ARG B 170 -9.20 19.24 35.19
CA ARG B 170 -8.23 18.34 35.82
C ARG B 170 -7.76 17.34 34.79
N GLN B 171 -8.61 17.02 33.83
CA GLN B 171 -8.25 16.08 32.79
C GLN B 171 -7.26 16.75 31.84
N VAL B 172 -7.56 17.97 31.43
CA VAL B 172 -6.66 18.70 30.54
C VAL B 172 -5.32 18.87 31.22
N GLN B 173 -5.38 19.01 32.54
CA GLN B 173 -4.20 19.22 33.36
C GLN B 173 -3.34 17.96 33.34
N THR B 174 -3.99 16.80 33.28
CA THR B 174 -3.26 15.54 33.25
C THR B 174 -2.60 15.28 31.92
N LEU B 175 -3.31 15.60 30.84
CA LEU B 175 -2.81 15.38 29.48
C LEU B 175 -1.69 16.31 29.06
N MET B 176 -1.34 17.28 29.90
CA MET B 176 -0.29 18.22 29.56
C MET B 176 0.77 18.37 30.67
N GLY B 177 0.64 19.41 31.50
CA GLY B 177 1.58 19.65 32.58
C GLY B 177 1.52 18.64 33.71
N LEU B 178 1.19 19.11 34.92
CA LEU B 178 1.09 18.25 36.10
C LEU B 178 0.00 18.72 37.09
N GLN C 51 -50.93 -43.95 -11.38
CA GLN C 51 -51.92 -43.12 -10.62
C GLN C 51 -51.21 -41.96 -9.92
N GLN C 52 -50.39 -42.29 -8.92
CA GLN C 52 -49.63 -41.31 -8.16
C GLN C 52 -48.25 -41.06 -8.76
N HIS C 53 -48.08 -41.41 -10.04
CA HIS C 53 -46.80 -41.20 -10.71
C HIS C 53 -46.68 -39.72 -11.06
N SER C 54 -47.83 -39.06 -11.19
CA SER C 54 -47.86 -37.64 -11.50
C SER C 54 -47.40 -36.87 -10.26
N VAL C 55 -47.96 -37.24 -9.11
CA VAL C 55 -47.61 -36.61 -7.83
C VAL C 55 -46.18 -36.96 -7.48
N GLN C 56 -45.66 -38.02 -8.11
CA GLN C 56 -44.30 -38.44 -7.87
C GLN C 56 -43.38 -37.50 -8.64
N VAL C 57 -43.92 -36.80 -9.64
CA VAL C 57 -43.14 -35.85 -10.44
C VAL C 57 -43.02 -34.51 -9.73
N ASP C 58 -44.13 -34.05 -9.14
CA ASP C 58 -44.13 -32.78 -8.43
C ASP C 58 -43.08 -32.83 -7.32
N GLN C 59 -43.07 -33.92 -6.56
CA GLN C 59 -42.12 -34.08 -5.46
C GLN C 59 -40.67 -34.07 -5.96
N LEU C 60 -40.47 -34.30 -7.26
CA LEU C 60 -39.13 -34.30 -7.84
C LEU C 60 -38.88 -32.95 -8.49
N ARG C 61 -39.94 -32.33 -9.02
CA ARG C 61 -39.84 -31.03 -9.65
C ARG C 61 -39.57 -29.98 -8.58
N MET C 62 -40.48 -29.88 -7.61
CA MET C 62 -40.35 -28.91 -6.54
C MET C 62 -39.02 -28.97 -5.80
N GLN C 63 -38.48 -30.18 -5.62
CA GLN C 63 -37.21 -30.32 -4.92
C GLN C 63 -36.06 -29.89 -5.81
N GLY C 64 -36.22 -30.12 -7.10
CA GLY C 64 -35.19 -29.75 -8.06
C GLY C 64 -34.94 -28.26 -8.08
N GLN C 65 -36.02 -27.49 -8.04
CA GLN C 65 -35.94 -26.04 -8.04
C GLN C 65 -35.31 -25.58 -6.72
N SER C 66 -35.77 -26.17 -5.62
CA SER C 66 -35.25 -25.85 -4.29
C SER C 66 -33.73 -25.83 -4.33
N VAL C 67 -33.14 -26.64 -5.18
CA VAL C 67 -31.70 -26.64 -5.27
C VAL C 67 -31.30 -25.59 -6.27
N GLU C 68 -31.96 -25.60 -7.42
CA GLU C 68 -31.65 -24.62 -8.44
C GLU C 68 -31.64 -23.20 -7.85
N ALA C 69 -32.46 -22.96 -6.82
CA ALA C 69 -32.53 -21.64 -6.16
C ALA C 69 -31.25 -21.41 -5.37
N ALA C 70 -30.87 -22.43 -4.61
CA ALA C 70 -29.68 -22.34 -3.80
C ALA C 70 -28.47 -22.04 -4.69
N LEU C 71 -28.38 -22.68 -5.85
CA LEU C 71 -27.25 -22.41 -6.73
C LEU C 71 -27.39 -20.98 -7.22
N ARG C 72 -28.62 -20.53 -7.36
CA ARG C 72 -28.87 -19.17 -7.82
C ARG C 72 -28.46 -18.20 -6.72
N MET C 73 -28.91 -18.46 -5.49
CA MET C 73 -28.56 -17.59 -4.37
C MET C 73 -27.04 -17.62 -4.19
N GLU C 74 -26.47 -18.82 -4.20
CA GLU C 74 -25.03 -18.97 -4.05
C GLU C 74 -24.27 -18.12 -5.05
N ARG C 75 -24.74 -18.10 -6.29
CA ARG C 75 -24.09 -17.33 -7.33
C ARG C 75 -24.13 -15.85 -6.99
N GLN C 76 -25.20 -15.43 -6.31
CA GLN C 76 -25.38 -14.03 -5.92
C GLN C 76 -24.30 -13.62 -4.93
N ALA C 77 -24.23 -14.32 -3.81
CA ALA C 77 -23.25 -14.03 -2.78
C ALA C 77 -21.88 -14.11 -3.39
N ALA C 78 -21.76 -14.93 -4.41
CA ALA C 78 -20.50 -15.10 -5.09
C ALA C 78 -20.14 -13.80 -5.79
N SER C 79 -21.14 -13.04 -6.18
CA SER C 79 -20.89 -11.78 -6.85
C SER C 79 -20.69 -10.70 -5.83
N GLU C 80 -21.29 -10.87 -4.66
CA GLU C 80 -21.15 -9.89 -3.62
C GLU C 80 -19.70 -9.90 -3.19
N GLU C 81 -19.09 -11.08 -3.21
CA GLU C 81 -17.70 -11.19 -2.81
C GLU C 81 -16.75 -10.77 -3.93
N LYS C 82 -17.11 -11.09 -5.17
CA LYS C 82 -16.29 -10.71 -6.30
C LYS C 82 -16.16 -9.20 -6.29
N ARG C 83 -17.22 -8.53 -5.84
CA ARG C 83 -17.24 -7.07 -5.77
C ARG C 83 -16.34 -6.60 -4.63
N LYS C 84 -16.42 -7.25 -3.48
CA LYS C 84 -15.57 -6.86 -2.36
C LYS C 84 -14.09 -6.91 -2.76
N LEU C 85 -13.66 -8.02 -3.36
CA LEU C 85 -12.28 -8.17 -3.76
C LEU C 85 -11.82 -7.07 -4.69
N ALA C 86 -12.54 -6.93 -5.79
CA ALA C 86 -12.25 -5.93 -6.81
C ALA C 86 -12.00 -4.56 -6.22
N GLN C 87 -12.80 -4.19 -5.21
CA GLN C 87 -12.67 -2.91 -4.55
C GLN C 87 -11.37 -2.88 -3.78
N LEU C 88 -11.18 -3.88 -2.94
CA LEU C 88 -9.99 -3.97 -2.11
C LEU C 88 -8.75 -4.02 -2.98
N GLN C 89 -8.87 -4.61 -4.16
CA GLN C 89 -7.74 -4.69 -5.08
C GLN C 89 -7.35 -3.26 -5.44
N VAL C 90 -8.33 -2.50 -5.90
CA VAL C 90 -8.11 -1.11 -6.30
C VAL C 90 -7.64 -0.27 -5.13
N ALA C 91 -8.15 -0.60 -3.96
CA ALA C 91 -7.75 0.12 -2.76
C ALA C 91 -6.25 -0.14 -2.53
N TYR C 92 -5.83 -1.38 -2.78
CA TYR C 92 -4.44 -1.81 -2.61
C TYR C 92 -3.57 -1.15 -3.63
N HIS C 93 -4.02 -1.15 -4.87
CA HIS C 93 -3.24 -0.52 -5.90
C HIS C 93 -2.98 0.93 -5.51
N GLN C 94 -4.05 1.68 -5.27
CA GLN C 94 -3.98 3.10 -4.90
C GLN C 94 -3.11 3.37 -3.66
N LEU C 95 -3.22 2.50 -2.67
CA LEU C 95 -2.40 2.65 -1.48
C LEU C 95 -0.95 2.41 -1.93
N PHE C 96 -0.79 1.57 -2.94
CA PHE C 96 0.54 1.27 -3.45
C PHE C 96 1.15 2.50 -4.12
N GLN C 97 0.43 3.08 -5.08
CA GLN C 97 0.92 4.27 -5.78
C GLN C 97 1.29 5.40 -4.84
N GLU C 98 0.38 5.72 -3.91
CA GLU C 98 0.68 6.81 -3.00
C GLU C 98 1.95 6.57 -2.20
N TYR C 99 2.26 5.31 -1.89
CA TYR C 99 3.45 4.97 -1.13
C TYR C 99 4.64 5.11 -2.05
N ASP C 100 4.49 4.60 -3.27
CA ASP C 100 5.55 4.67 -4.25
C ASP C 100 5.95 6.12 -4.41
N ASN C 101 5.00 6.94 -4.86
CA ASN C 101 5.24 8.35 -5.07
C ASN C 101 5.86 9.07 -3.87
N HIS C 102 5.54 8.63 -2.67
CA HIS C 102 6.08 9.27 -1.48
C HIS C 102 7.57 9.04 -1.34
N ILE C 103 8.02 7.84 -1.70
CA ILE C 103 9.44 7.52 -1.59
C ILE C 103 10.20 8.33 -2.62
N LYS C 104 9.68 8.34 -3.83
CA LYS C 104 10.28 9.07 -4.93
C LYS C 104 10.48 10.54 -4.59
N SER C 105 9.55 11.12 -3.83
CA SER C 105 9.61 12.53 -3.46
C SER C 105 10.46 12.86 -2.25
N SER C 106 11.04 11.84 -1.65
CA SER C 106 11.87 12.06 -0.48
C SER C 106 13.34 12.07 -0.83
N VAL C 107 13.70 11.34 -1.89
CA VAL C 107 15.10 11.27 -2.31
C VAL C 107 15.46 12.45 -3.20
N VAL C 108 14.52 12.88 -4.02
CA VAL C 108 14.72 14.00 -4.95
C VAL C 108 14.96 15.30 -4.17
N GLY C 109 14.11 15.55 -3.18
CA GLY C 109 14.21 16.74 -2.34
C GLY C 109 14.70 16.38 -0.94
N SER D 54 -40.72 -44.22 -15.77
CA SER D 54 -39.45 -44.31 -15.00
C SER D 54 -38.29 -43.63 -15.74
N VAL D 55 -38.55 -43.20 -16.96
CA VAL D 55 -37.53 -42.54 -17.76
C VAL D 55 -37.57 -41.02 -17.54
N GLN D 56 -38.77 -40.47 -17.43
CA GLN D 56 -38.90 -39.04 -17.20
C GLN D 56 -38.22 -38.72 -15.86
N VAL D 57 -38.27 -39.69 -14.94
CA VAL D 57 -37.65 -39.54 -13.62
C VAL D 57 -36.13 -39.58 -13.77
N ASP D 58 -35.64 -40.56 -14.53
CA ASP D 58 -34.21 -40.68 -14.77
C ASP D 58 -33.70 -39.39 -15.42
N GLN D 59 -34.54 -38.79 -16.26
CA GLN D 59 -34.20 -37.55 -16.96
C GLN D 59 -34.14 -36.40 -15.95
N LEU D 60 -34.72 -36.62 -14.78
CA LEU D 60 -34.71 -35.62 -13.72
C LEU D 60 -33.53 -35.90 -12.80
N ARG D 61 -33.48 -37.09 -12.22
CA ARG D 61 -32.40 -37.46 -11.33
C ARG D 61 -31.05 -37.15 -11.97
N MET D 62 -31.00 -37.22 -13.30
CA MET D 62 -29.77 -36.92 -14.03
C MET D 62 -29.58 -35.41 -14.20
N GLN D 63 -30.68 -34.68 -14.31
CA GLN D 63 -30.61 -33.23 -14.46
C GLN D 63 -30.33 -32.58 -13.10
N GLY D 64 -31.18 -32.90 -12.13
CA GLY D 64 -31.02 -32.35 -10.80
C GLY D 64 -29.66 -32.65 -10.22
N GLN D 65 -29.07 -33.77 -10.62
CA GLN D 65 -27.75 -34.13 -10.15
C GLN D 65 -26.71 -33.18 -10.73
N SER D 66 -26.92 -32.75 -11.98
CA SER D 66 -26.00 -31.83 -12.64
C SER D 66 -25.97 -30.51 -11.87
N VAL D 67 -27.10 -30.20 -11.25
CA VAL D 67 -27.21 -28.98 -10.47
C VAL D 67 -26.38 -29.11 -9.20
N GLU D 68 -26.77 -30.05 -8.33
CA GLU D 68 -26.06 -30.29 -7.07
C GLU D 68 -24.56 -30.42 -7.28
N ALA D 69 -24.18 -30.75 -8.50
CA ALA D 69 -22.78 -30.91 -8.86
C ALA D 69 -22.15 -29.53 -8.96
N ALA D 70 -22.76 -28.69 -9.78
CA ALA D 70 -22.29 -27.33 -9.98
C ALA D 70 -22.40 -26.55 -8.69
N LEU D 71 -23.36 -26.93 -7.85
CA LEU D 71 -23.54 -26.24 -6.59
C LEU D 71 -22.39 -26.61 -5.66
N ARG D 72 -21.85 -27.81 -5.85
CA ARG D 72 -20.75 -28.25 -5.00
C ARG D 72 -19.47 -27.56 -5.49
N MET D 73 -19.30 -27.49 -6.81
CA MET D 73 -18.14 -26.84 -7.42
C MET D 73 -18.14 -25.35 -7.05
N GLU D 74 -19.32 -24.76 -7.07
CA GLU D 74 -19.53 -23.35 -6.74
C GLU D 74 -19.14 -23.11 -5.28
N ARG D 75 -19.73 -23.87 -4.37
CA ARG D 75 -19.39 -23.75 -2.97
C ARG D 75 -17.88 -23.86 -2.79
N GLN D 76 -17.24 -24.72 -3.59
CA GLN D 76 -15.80 -24.90 -3.50
C GLN D 76 -15.03 -23.65 -3.84
N ALA D 77 -15.39 -23.02 -4.96
CA ALA D 77 -14.73 -21.80 -5.41
C ALA D 77 -14.86 -20.67 -4.38
N ALA D 78 -16.04 -20.55 -3.81
CA ALA D 78 -16.32 -19.52 -2.82
C ALA D 78 -15.33 -19.58 -1.68
N SER D 79 -14.91 -20.80 -1.35
CA SER D 79 -13.96 -21.03 -0.28
C SER D 79 -12.59 -20.55 -0.69
N GLU D 80 -12.23 -20.79 -1.95
CA GLU D 80 -10.94 -20.37 -2.44
C GLU D 80 -10.92 -18.85 -2.52
N GLU D 81 -11.89 -18.28 -3.21
CA GLU D 81 -11.93 -16.83 -3.34
C GLU D 81 -11.80 -16.14 -1.98
N LYS D 82 -12.53 -16.62 -0.98
CA LYS D 82 -12.41 -16.02 0.34
C LYS D 82 -10.94 -16.08 0.77
N ARG D 83 -10.30 -17.23 0.59
CA ARG D 83 -8.89 -17.36 0.96
C ARG D 83 -8.15 -16.24 0.27
N LYS D 84 -8.52 -15.98 -0.98
CA LYS D 84 -7.88 -14.92 -1.75
C LYS D 84 -8.14 -13.56 -1.09
N LEU D 85 -9.40 -13.19 -0.90
CA LEU D 85 -9.73 -11.92 -0.26
C LEU D 85 -8.95 -11.77 1.00
N ALA D 86 -9.03 -12.81 1.83
CA ALA D 86 -8.34 -12.83 3.11
C ALA D 86 -6.88 -12.45 3.01
N GLN D 87 -6.22 -12.83 1.93
CA GLN D 87 -4.82 -12.52 1.78
C GLN D 87 -4.65 -11.06 1.48
N LEU D 88 -5.47 -10.55 0.58
CA LEU D 88 -5.41 -9.17 0.18
C LEU D 88 -5.67 -8.24 1.36
N GLN D 89 -6.54 -8.64 2.29
CA GLN D 89 -6.81 -7.79 3.44
C GLN D 89 -5.55 -7.71 4.25
N VAL D 90 -4.91 -8.86 4.44
CA VAL D 90 -3.67 -8.91 5.20
C VAL D 90 -2.58 -8.17 4.45
N ALA D 91 -2.68 -8.18 3.14
CA ALA D 91 -1.71 -7.52 2.31
C ALA D 91 -1.83 -6.02 2.51
N TYR D 92 -3.08 -5.56 2.44
CA TYR D 92 -3.44 -4.15 2.57
C TYR D 92 -2.93 -3.60 3.88
N HIS D 93 -3.29 -4.25 4.97
CA HIS D 93 -2.85 -3.77 6.24
C HIS D 93 -1.33 -3.69 6.30
N GLN D 94 -0.68 -4.72 5.77
CA GLN D 94 0.78 -4.79 5.74
C GLN D 94 1.39 -3.56 5.04
N LEU D 95 0.88 -3.25 3.86
CA LEU D 95 1.36 -2.11 3.10
C LEU D 95 1.21 -0.90 4.01
N PHE D 96 0.00 -0.76 4.53
CA PHE D 96 -0.31 0.33 5.43
C PHE D 96 0.74 0.41 6.51
N GLN D 97 0.89 -0.65 7.28
CA GLN D 97 1.88 -0.59 8.35
C GLN D 97 3.25 -0.16 7.83
N GLU D 98 3.65 -0.63 6.65
CA GLU D 98 4.95 -0.28 6.11
C GLU D 98 5.02 1.17 5.75
N TYR D 99 4.04 1.62 4.99
CA TYR D 99 3.98 3.01 4.57
C TYR D 99 3.98 3.94 5.76
N ASP D 100 3.16 3.62 6.75
CA ASP D 100 3.08 4.44 7.94
C ASP D 100 4.45 4.55 8.56
N ASN D 101 4.94 3.47 9.13
CA ASN D 101 6.25 3.51 9.78
C ASN D 101 7.28 4.22 8.92
N HIS D 102 7.16 4.11 7.60
CA HIS D 102 8.12 4.77 6.73
C HIS D 102 8.11 6.28 6.93
N ILE D 103 6.93 6.86 6.94
CA ILE D 103 6.78 8.29 7.12
C ILE D 103 7.30 8.72 8.47
N LYS D 104 6.86 8.04 9.51
CA LYS D 104 7.29 8.39 10.85
C LYS D 104 8.79 8.24 11.04
N SER D 105 9.44 7.45 10.18
CA SER D 105 10.88 7.25 10.30
C SER D 105 11.67 8.25 9.46
N SER D 106 11.04 8.77 8.42
CA SER D 106 11.69 9.75 7.54
C SER D 106 11.69 11.16 8.14
N VAL D 107 11.39 11.24 9.43
CA VAL D 107 11.37 12.51 10.16
C VAL D 107 12.53 12.58 11.15
N VAL D 108 13.61 13.26 10.76
CA VAL D 108 14.82 13.44 11.58
C VAL D 108 15.79 14.44 10.96
N GLY D 109 16.23 15.42 11.76
CA GLY D 109 17.18 16.44 11.31
C GLY D 109 18.48 16.34 12.11
N SER D 110 19.58 16.79 11.51
CA SER D 110 20.89 16.74 12.17
C SER D 110 21.68 18.04 11.93
N GLU D 111 22.95 17.90 11.55
CA GLU D 111 23.81 19.05 11.29
C GLU D 111 24.02 19.28 9.79
#